data_8BYH
#
_entry.id   8BYH
#
_cell.length_a   85.390
_cell.length_b   85.390
_cell.length_c   210.710
_cell.angle_alpha   90.000
_cell.angle_beta   90.000
_cell.angle_gamma   90.000
#
_symmetry.space_group_name_H-M   'P 43 21 2'
#
loop_
_entity.id
_entity.type
_entity.pdbx_description
1 polymer 'tRNA (guanine-N(1)-)-methyltransferase'
2 non-polymer 1,2-ETHANEDIOL
3 non-polymer GLYCEROL
4 non-polymer 'CHLORIDE ION'
5 non-polymer S-ADENOSYLMETHIONINE
6 water water
#
_entity_poly.entity_id   1
_entity_poly.type   'polypeptide(L)'
_entity_poly.pdbx_seq_one_letter_code
;GPHMKRYNVITIFPEMINEIFKYGVLSKGIDIGLFRVNPINLRDYTEDKHKTVDDYQYGGGHGLVMKPEPIYKAIADLKS
KKDTHVVFLDPRGEQFTQKTAERLYNYDDITFVCGRYEGIDDRVRELMADEMISIGDFVITGGELAAVTIIDAVARLIPG
VLGDENSPNEESFTTGLLEYPHFTRPAEFMGKKVPEVLISGNHEEIRRWRLTESIKTTLQNRPDMILRKSLSREEEQILW
SLT
;
_entity_poly.pdbx_strand_id   A,B
#
# COMPACT_ATOMS: atom_id res chain seq x y z
N HIS A 3 17.91 7.52 -19.00
CA HIS A 3 18.29 6.10 -18.80
C HIS A 3 17.07 5.30 -18.39
N MET A 4 17.10 3.99 -18.61
CA MET A 4 15.98 3.12 -18.20
C MET A 4 15.96 3.05 -16.68
N LYS A 5 14.81 3.28 -16.05
CA LYS A 5 14.70 3.18 -14.61
C LYS A 5 14.76 1.72 -14.18
N ARG A 6 15.51 1.43 -13.11
CA ARG A 6 15.68 0.08 -12.62
C ARG A 6 15.29 0.02 -11.14
N TYR A 7 14.56 -1.04 -10.77
CA TYR A 7 14.09 -1.24 -9.41
C TYR A 7 14.46 -2.64 -8.96
N ASN A 8 15.43 -2.73 -8.05
CA ASN A 8 15.85 -4.01 -7.51
C ASN A 8 15.04 -4.29 -6.24
N VAL A 9 14.55 -5.51 -6.11
CA VAL A 9 13.77 -5.89 -4.94
C VAL A 9 14.46 -7.07 -4.29
N ILE A 10 15.00 -6.84 -3.10
CA ILE A 10 15.61 -7.88 -2.29
C ILE A 10 14.53 -8.52 -1.43
N THR A 11 14.35 -9.83 -1.59
CA THR A 11 13.21 -10.51 -1.02
C THR A 11 13.50 -11.99 -0.95
N ILE A 12 12.86 -12.67 0.00
CA ILE A 12 12.88 -14.14 0.02
C ILE A 12 11.86 -14.73 -0.93
N PHE A 13 11.02 -13.90 -1.55
CA PHE A 13 10.01 -14.35 -2.51
C PHE A 13 10.19 -13.62 -3.84
N PRO A 14 11.32 -13.84 -4.53
CA PRO A 14 11.52 -13.14 -5.81
C PRO A 14 10.47 -13.45 -6.87
N GLU A 15 10.00 -14.70 -6.91
CA GLU A 15 9.01 -15.07 -7.93
C GLU A 15 7.71 -14.31 -7.75
N MET A 16 7.33 -13.99 -6.51
CA MET A 16 6.15 -13.16 -6.30
C MET A 16 6.30 -11.85 -7.05
N ILE A 17 7.50 -11.26 -7.00
CA ILE A 17 7.73 -9.97 -7.64
C ILE A 17 7.61 -10.13 -9.16
N ASN A 18 8.16 -11.20 -9.71
CA ASN A 18 8.07 -11.38 -11.16
C ASN A 18 6.63 -11.62 -11.60
N GLU A 19 5.86 -12.37 -10.82
CA GLU A 19 4.50 -12.66 -11.22
C GLU A 19 3.65 -11.41 -11.23
N ILE A 20 3.86 -10.53 -10.23
CA ILE A 20 3.03 -9.34 -10.10
C ILE A 20 3.16 -8.45 -11.34
N PHE A 21 4.37 -8.35 -11.89
CA PHE A 21 4.57 -7.38 -12.96
C PHE A 21 4.29 -7.95 -14.34
N LYS A 22 3.61 -9.08 -14.45
CA LYS A 22 3.18 -9.48 -15.78
C LYS A 22 1.76 -9.05 -16.08
N TYR A 23 1.17 -8.23 -15.21
CA TYR A 23 -0.21 -7.80 -15.32
C TYR A 23 -0.30 -6.29 -15.56
N GLY A 24 -1.15 -5.88 -16.50
CA GLY A 24 -1.56 -4.49 -16.58
C GLY A 24 -0.65 -3.60 -17.42
N VAL A 25 -0.96 -2.30 -17.36
CA VAL A 25 -0.24 -1.36 -18.23
C VAL A 25 1.25 -1.39 -17.92
N LEU A 26 1.63 -1.71 -16.69
CA LEU A 26 3.04 -1.68 -16.31
C LEU A 26 3.84 -2.76 -17.01
N SER A 27 3.24 -3.95 -17.20
CA SER A 27 3.97 -5.02 -17.88
C SER A 27 4.32 -4.63 -19.31
N LYS A 28 3.50 -3.81 -19.95
CA LYS A 28 3.84 -3.38 -21.30
C LYS A 28 5.04 -2.44 -21.27
N GLY A 29 5.10 -1.56 -20.28
CA GLY A 29 6.25 -0.68 -20.16
C GLY A 29 7.54 -1.44 -19.90
N ILE A 30 7.45 -2.54 -19.15
CA ILE A 30 8.61 -3.42 -19.00
C ILE A 30 8.95 -4.09 -20.32
N ASP A 31 7.92 -4.55 -21.06
CA ASP A 31 8.14 -5.24 -22.31
C ASP A 31 8.92 -4.38 -23.31
N ILE A 32 8.66 -3.07 -23.32
CA ILE A 32 9.29 -2.20 -24.30
C ILE A 32 10.53 -1.50 -23.75
N GLY A 33 10.88 -1.74 -22.49
CA GLY A 33 12.15 -1.27 -21.99
C GLY A 33 12.13 0.10 -21.35
N LEU A 34 10.98 0.59 -20.91
CA LEU A 34 10.93 1.88 -20.25
C LEU A 34 11.37 1.79 -18.80
N PHE A 35 11.21 0.64 -18.16
CA PHE A 35 11.81 0.39 -16.86
C PHE A 35 12.00 -1.10 -16.71
N ARG A 36 12.60 -1.51 -15.59
CA ARG A 36 12.84 -2.92 -15.33
C ARG A 36 12.79 -3.18 -13.84
N VAL A 37 12.20 -4.32 -13.47
CA VAL A 37 12.10 -4.75 -12.09
C VAL A 37 12.99 -5.97 -11.92
N ASN A 38 13.82 -5.95 -10.87
CA ASN A 38 14.94 -6.89 -10.73
C ASN A 38 14.84 -7.59 -9.38
N PRO A 39 14.12 -8.70 -9.31
CA PRO A 39 13.99 -9.44 -8.05
C PRO A 39 15.30 -10.14 -7.71
N ILE A 40 15.75 -9.95 -6.46
CA ILE A 40 16.99 -10.51 -5.95
C ILE A 40 16.65 -11.49 -4.83
N ASN A 41 17.04 -12.76 -5.00
CA ASN A 41 16.71 -13.82 -4.05
C ASN A 41 17.64 -13.70 -2.83
N LEU A 42 17.11 -13.20 -1.72
CA LEU A 42 17.92 -13.03 -0.51
C LEU A 42 18.51 -14.35 -0.03
N ARG A 43 17.84 -15.47 -0.28
N ARG A 43 17.82 -15.47 -0.28
CA ARG A 43 18.36 -16.76 0.13
CA ARG A 43 18.35 -16.78 0.11
C ARG A 43 19.64 -17.13 -0.62
C ARG A 43 19.64 -17.12 -0.62
N ASP A 44 19.94 -16.46 -1.73
CA ASP A 44 21.20 -16.70 -2.44
C ASP A 44 22.40 -16.14 -1.71
N TYR A 45 22.20 -15.34 -0.66
CA TYR A 45 23.30 -14.73 0.07
C TYR A 45 23.50 -15.32 1.46
N THR A 46 23.15 -16.59 1.65
CA THR A 46 23.44 -17.29 2.88
C THR A 46 24.67 -18.15 2.68
N GLU A 47 25.35 -18.43 3.80
CA GLU A 47 26.58 -19.20 3.79
C GLU A 47 26.58 -20.35 4.78
N ASP A 48 25.59 -20.37 5.67
CA ASP A 48 25.51 -21.39 6.74
C ASP A 48 24.91 -22.68 6.21
N LYS A 49 25.05 -23.77 6.98
CA LYS A 49 24.54 -25.08 6.53
C LYS A 49 23.01 -25.08 6.45
N HIS A 50 22.34 -24.31 7.31
CA HIS A 50 20.86 -24.21 7.31
C HIS A 50 20.38 -23.11 6.35
N LYS A 51 21.28 -22.43 5.64
CA LYS A 51 20.93 -21.37 4.63
C LYS A 51 19.90 -20.43 5.26
N THR A 52 20.36 -19.67 6.24
CA THR A 52 19.48 -18.97 7.17
C THR A 52 19.42 -17.47 6.87
N VAL A 53 18.21 -16.93 6.73
CA VAL A 53 18.00 -15.50 6.52
C VAL A 53 17.27 -14.82 7.67
N ASP A 54 16.76 -15.57 8.64
CA ASP A 54 16.06 -15.01 9.79
C ASP A 54 16.36 -15.91 10.99
N ASP A 55 16.34 -15.32 12.18
CA ASP A 55 16.57 -16.09 13.39
C ASP A 55 15.86 -15.40 14.56
N TYR A 56 15.86 -16.07 15.72
CA TYR A 56 15.26 -15.48 16.91
C TYR A 56 15.95 -14.16 17.23
N GLN A 57 15.14 -13.16 17.59
CA GLN A 57 15.72 -11.87 17.91
C GLN A 57 16.33 -11.89 19.30
N TYR A 58 17.14 -10.87 19.59
CA TYR A 58 17.64 -10.66 20.94
C TYR A 58 16.60 -9.92 21.78
N GLY A 59 16.61 -10.20 23.08
CA GLY A 59 15.67 -9.57 23.99
C GLY A 59 14.56 -10.47 24.49
N GLY A 60 14.50 -11.72 24.05
CA GLY A 60 13.55 -12.65 24.62
C GLY A 60 12.50 -13.10 23.63
N GLY A 61 11.99 -14.31 23.82
CA GLY A 61 10.98 -14.85 22.93
C GLY A 61 11.58 -15.42 21.66
N HIS A 62 10.69 -15.90 20.79
CA HIS A 62 11.06 -16.57 19.55
C HIS A 62 10.65 -15.78 18.31
N GLY A 63 10.39 -14.48 18.46
CA GLY A 63 10.09 -13.67 17.30
C GLY A 63 11.27 -13.65 16.33
N LEU A 64 10.95 -13.73 15.04
CA LEU A 64 11.97 -13.80 13.98
C LEU A 64 12.32 -12.41 13.48
N VAL A 65 13.61 -12.20 13.22
CA VAL A 65 14.13 -10.96 12.67
C VAL A 65 15.10 -11.31 11.55
N MET A 66 15.05 -10.56 10.44
CA MET A 66 15.91 -10.83 9.29
C MET A 66 17.37 -10.57 9.65
N LYS A 67 18.22 -11.56 9.36
CA LYS A 67 19.61 -11.47 9.76
C LYS A 67 20.34 -10.38 8.97
N PRO A 68 21.40 -9.81 9.52
CA PRO A 68 22.10 -8.72 8.82
C PRO A 68 23.00 -9.19 7.69
N GLU A 69 23.69 -10.35 7.85
CA GLU A 69 24.71 -10.71 6.86
C GLU A 69 24.13 -10.90 5.45
N PRO A 70 23.06 -11.67 5.24
CA PRO A 70 22.56 -11.84 3.87
C PRO A 70 22.07 -10.55 3.24
N ILE A 71 21.34 -9.73 3.98
CA ILE A 71 20.90 -8.46 3.41
C ILE A 71 22.09 -7.59 3.08
N TYR A 72 23.12 -7.59 3.93
CA TYR A 72 24.31 -6.82 3.63
C TYR A 72 24.95 -7.32 2.34
N LYS A 73 25.15 -8.63 2.22
CA LYS A 73 25.81 -9.16 1.03
C LYS A 73 25.01 -8.87 -0.23
N ALA A 74 23.68 -8.99 -0.16
CA ALA A 74 22.85 -8.75 -1.35
C ALA A 74 22.96 -7.29 -1.81
N ILE A 75 22.94 -6.35 -0.87
CA ILE A 75 23.06 -4.94 -1.24
C ILE A 75 24.45 -4.68 -1.80
N ALA A 76 25.50 -5.17 -1.12
CA ALA A 76 26.86 -4.96 -1.59
C ALA A 76 27.07 -5.53 -2.99
N ASP A 77 26.38 -6.63 -3.31
CA ASP A 77 26.53 -7.23 -4.63
C ASP A 77 25.95 -6.31 -5.70
N LEU A 78 24.74 -5.80 -5.47
CA LEU A 78 24.16 -4.81 -6.37
C LEU A 78 25.10 -3.62 -6.57
N LYS A 79 25.60 -3.06 -5.47
CA LYS A 79 26.44 -1.87 -5.55
C LYS A 79 27.76 -2.14 -6.25
N SER A 80 28.26 -3.37 -6.16
CA SER A 80 29.53 -3.67 -6.82
C SER A 80 29.43 -3.54 -8.34
N LYS A 81 28.23 -3.71 -8.88
CA LYS A 81 28.06 -3.64 -10.32
C LYS A 81 27.61 -2.25 -10.77
N LYS A 82 26.73 -1.60 -10.02
CA LYS A 82 26.19 -0.31 -10.44
C LYS A 82 25.68 0.43 -9.21
N ASP A 83 25.88 1.74 -9.19
CA ASP A 83 25.40 2.55 -8.07
C ASP A 83 23.89 2.44 -7.95
N THR A 84 23.41 2.54 -6.71
CA THR A 84 21.98 2.41 -6.45
C THR A 84 21.63 3.19 -5.19
N HIS A 85 20.34 3.49 -5.09
CA HIS A 85 19.77 4.21 -3.96
C HIS A 85 18.97 3.20 -3.15
N VAL A 86 19.32 3.04 -1.87
CA VAL A 86 18.87 1.91 -1.06
C VAL A 86 17.74 2.35 -0.13
N VAL A 87 16.56 1.76 -0.32
CA VAL A 87 15.37 2.04 0.47
C VAL A 87 15.04 0.80 1.30
N PHE A 88 15.08 0.92 2.61
CA PHE A 88 14.55 -0.11 3.49
C PHE A 88 13.05 0.16 3.69
N LEU A 89 12.23 -0.84 3.42
CA LEU A 89 10.79 -0.69 3.67
C LEU A 89 10.51 -0.99 5.13
N ASP A 90 9.91 -0.02 5.82
CA ASP A 90 9.81 -0.04 7.27
C ASP A 90 8.73 0.93 7.71
N PRO A 91 7.79 0.50 8.59
CA PRO A 91 6.77 1.43 9.12
C PRO A 91 7.33 2.70 9.73
N ARG A 92 8.58 2.65 10.21
CA ARG A 92 9.23 3.83 10.78
C ARG A 92 9.67 4.84 9.73
N GLY A 93 9.62 4.52 8.45
CA GLY A 93 10.11 5.40 7.42
C GLY A 93 9.14 6.52 7.07
N GLU A 94 9.52 7.29 6.06
CA GLU A 94 8.66 8.34 5.52
C GLU A 94 7.37 7.75 4.98
N GLN A 95 6.25 8.32 5.39
CA GLN A 95 4.98 7.85 4.85
C GLN A 95 4.91 8.15 3.35
N PHE A 96 4.71 7.12 2.54
CA PHE A 96 4.76 7.26 1.09
C PHE A 96 3.55 8.03 0.58
N THR A 97 3.81 9.13 -0.13
CA THR A 97 2.78 9.98 -0.73
C THR A 97 3.16 10.24 -2.18
N GLN A 98 2.28 10.97 -2.89
CA GLN A 98 2.57 11.26 -4.29
C GLN A 98 3.83 12.10 -4.42
N LYS A 99 4.12 12.95 -3.42
CA LYS A 99 5.37 13.70 -3.42
C LYS A 99 6.58 12.77 -3.30
N THR A 100 6.48 11.74 -2.46
CA THR A 100 7.56 10.76 -2.39
C THR A 100 7.79 10.12 -3.75
N ALA A 101 6.71 9.74 -4.43
CA ALA A 101 6.83 9.07 -5.72
C ALA A 101 7.51 9.99 -6.74
N GLU A 102 7.19 11.28 -6.72
CA GLU A 102 7.83 12.22 -7.62
C GLU A 102 9.30 12.41 -7.28
N ARG A 103 9.65 12.34 -5.99
CA ARG A 103 11.06 12.45 -5.61
C ARG A 103 11.83 11.20 -6.05
N LEU A 104 11.30 10.01 -5.76
CA LEU A 104 11.98 8.78 -6.14
C LEU A 104 12.09 8.64 -7.67
N TYR A 105 11.18 9.27 -8.40
CA TYR A 105 11.24 9.20 -9.86
C TYR A 105 12.58 9.68 -10.39
N ASN A 106 13.25 10.57 -9.67
CA ASN A 106 14.51 11.13 -10.15
C ASN A 106 15.66 10.15 -10.13
N TYR A 107 15.59 9.09 -9.32
CA TYR A 107 16.64 8.08 -9.35
C TYR A 107 16.47 7.18 -10.56
N ASP A 108 17.60 6.76 -11.13
CA ASP A 108 17.59 5.75 -12.18
C ASP A 108 17.71 4.34 -11.63
N ASP A 109 18.06 4.18 -10.36
CA ASP A 109 18.36 2.86 -9.82
C ASP A 109 18.06 2.88 -8.33
N ILE A 110 17.00 2.16 -7.94
CA ILE A 110 16.54 2.09 -6.55
C ILE A 110 16.53 0.64 -6.13
N THR A 111 17.03 0.38 -4.91
CA THR A 111 17.03 -0.97 -4.34
C THR A 111 16.09 -0.99 -3.13
N PHE A 112 15.06 -1.82 -3.22
CA PHE A 112 14.10 -1.98 -2.14
C PHE A 112 14.43 -3.25 -1.35
N VAL A 113 14.57 -3.10 -0.05
CA VAL A 113 14.86 -4.22 0.85
C VAL A 113 13.57 -4.60 1.55
N CYS A 114 13.13 -5.86 1.37
CA CYS A 114 11.88 -6.34 1.93
C CYS A 114 12.13 -7.13 3.21
N GLY A 115 11.58 -6.66 4.32
CA GLY A 115 11.60 -7.44 5.54
C GLY A 115 10.45 -8.42 5.63
N ARG A 116 10.55 -9.31 6.63
CA ARG A 116 9.52 -10.24 7.02
C ARG A 116 9.53 -10.36 8.54
N TYR A 117 8.51 -11.03 9.08
CA TYR A 117 8.39 -11.34 10.53
C TYR A 117 8.47 -10.03 11.32
N GLU A 118 9.26 -9.96 12.40
CA GLU A 118 9.28 -8.79 13.27
C GLU A 118 9.96 -7.59 12.62
N GLY A 119 10.80 -7.80 11.61
CA GLY A 119 11.51 -6.71 11.01
C GLY A 119 12.92 -7.13 10.60
N ILE A 120 13.75 -6.12 10.36
CA ILE A 120 15.11 -6.30 9.87
C ILE A 120 16.10 -5.84 10.94
N ASP A 121 17.15 -6.65 11.17
CA ASP A 121 18.21 -6.24 12.09
C ASP A 121 18.67 -4.82 11.77
N ASP A 122 18.60 -3.95 12.77
CA ASP A 122 18.71 -2.53 12.44
C ASP A 122 20.14 -2.10 12.13
N ARG A 123 21.13 -2.94 12.43
CA ARG A 123 22.50 -2.59 12.11
C ARG A 123 22.74 -2.58 10.60
N VAL A 124 22.12 -3.51 9.86
CA VAL A 124 22.36 -3.49 8.43
C VAL A 124 21.60 -2.33 7.81
N ARG A 125 20.46 -1.93 8.42
CA ARG A 125 19.78 -0.71 8.02
C ARG A 125 20.66 0.52 8.24
N GLU A 126 21.26 0.62 9.42
CA GLU A 126 22.17 1.74 9.66
C GLU A 126 23.35 1.73 8.69
N LEU A 127 23.87 0.56 8.36
CA LEU A 127 25.05 0.50 7.51
C LEU A 127 24.71 0.84 6.06
N MET A 128 23.56 0.39 5.56
CA MET A 128 23.35 0.35 4.12
C MET A 128 22.20 1.21 3.60
N ALA A 129 21.22 1.58 4.43
CA ALA A 129 20.06 2.34 3.93
C ALA A 129 20.42 3.80 3.65
N ASP A 130 19.97 4.28 2.50
CA ASP A 130 19.94 5.72 2.25
C ASP A 130 18.71 6.38 2.86
N GLU A 131 17.61 5.62 3.00
CA GLU A 131 16.41 6.13 3.64
C GLU A 131 15.51 4.94 3.98
N MET A 132 14.53 5.20 4.85
CA MET A 132 13.44 4.27 5.11
C MET A 132 12.13 4.91 4.62
N ILE A 133 11.27 4.09 4.04
CA ILE A 133 9.96 4.51 3.57
C ILE A 133 8.91 3.53 4.07
N SER A 134 7.81 4.07 4.59
CA SER A 134 6.63 3.30 4.98
C SER A 134 5.53 3.44 3.93
N ILE A 135 4.88 2.32 3.61
CA ILE A 135 3.78 2.36 2.64
C ILE A 135 2.54 3.02 3.22
N GLY A 136 2.44 3.11 4.55
CA GLY A 136 1.29 3.73 5.18
C GLY A 136 1.29 3.49 6.68
N ASP A 137 0.31 4.11 7.35
CA ASP A 137 0.22 4.02 8.81
C ASP A 137 -0.48 2.73 9.25
N PHE A 138 0.09 1.61 8.78
CA PHE A 138 -0.43 0.28 9.09
C PHE A 138 0.71 -0.70 8.89
N VAL A 139 0.45 -1.96 9.24
CA VAL A 139 1.48 -3.00 9.23
C VAL A 139 1.02 -4.16 8.34
N ILE A 140 1.90 -4.62 7.46
CA ILE A 140 1.66 -5.80 6.63
C ILE A 140 2.73 -6.85 6.95
N THR A 141 2.50 -8.07 6.43
CA THR A 141 3.36 -9.20 6.81
C THR A 141 4.74 -9.15 6.16
N GLY A 142 4.91 -8.37 5.09
CA GLY A 142 6.21 -8.29 4.45
C GLY A 142 6.36 -7.05 3.61
N GLY A 143 7.61 -6.73 3.27
CA GLY A 143 7.88 -5.57 2.45
C GLY A 143 7.54 -5.72 0.98
N GLU A 144 7.28 -6.95 0.54
CA GLU A 144 7.06 -7.21 -0.88
C GLU A 144 5.94 -6.35 -1.44
N LEU A 145 4.79 -6.34 -0.77
CA LEU A 145 3.67 -5.56 -1.32
C LEU A 145 3.98 -4.07 -1.29
N ALA A 146 4.69 -3.61 -0.26
CA ALA A 146 5.07 -2.20 -0.24
C ALA A 146 6.02 -1.87 -1.39
N ALA A 147 6.94 -2.76 -1.71
CA ALA A 147 7.90 -2.50 -2.79
C ALA A 147 7.19 -2.35 -4.12
N VAL A 148 6.33 -3.32 -4.48
CA VAL A 148 5.70 -3.28 -5.80
C VAL A 148 4.72 -2.11 -5.89
N THR A 149 4.07 -1.77 -4.78
CA THR A 149 3.15 -0.64 -4.80
C THR A 149 3.89 0.65 -5.11
N ILE A 150 5.06 0.83 -4.49
CA ILE A 150 5.88 2.02 -4.76
C ILE A 150 6.37 2.01 -6.20
N ILE A 151 6.85 0.85 -6.67
CA ILE A 151 7.32 0.77 -8.05
C ILE A 151 6.20 1.12 -9.01
N ASP A 152 4.99 0.64 -8.73
CA ASP A 152 3.84 0.98 -9.55
C ASP A 152 3.63 2.49 -9.59
N ALA A 153 3.58 3.13 -8.41
CA ALA A 153 3.34 4.57 -8.34
C ALA A 153 4.44 5.38 -9.00
N VAL A 154 5.68 4.90 -8.94
CA VAL A 154 6.78 5.67 -9.52
C VAL A 154 6.87 5.42 -11.02
N ALA A 155 6.82 4.14 -11.43
CA ALA A 155 7.04 3.80 -12.83
C ALA A 155 5.95 4.36 -13.73
N ARG A 156 4.71 4.45 -13.22
CA ARG A 156 3.62 4.94 -14.04
C ARG A 156 3.79 6.42 -14.38
N LEU A 157 4.71 7.12 -13.71
CA LEU A 157 5.06 8.48 -14.08
C LEU A 157 6.07 8.56 -15.23
N ILE A 158 6.60 7.43 -15.67
CA ILE A 158 7.56 7.50 -16.78
C ILE A 158 6.82 7.84 -18.06
N PRO A 159 7.22 8.90 -18.77
CA PRO A 159 6.53 9.23 -20.03
C PRO A 159 6.56 8.06 -20.98
N GLY A 160 5.39 7.71 -21.51
CA GLY A 160 5.27 6.59 -22.41
C GLY A 160 4.77 5.30 -21.78
N VAL A 161 4.70 5.22 -20.44
CA VAL A 161 4.16 4.03 -19.81
C VAL A 161 2.63 3.99 -19.91
N LEU A 162 1.96 5.11 -19.63
CA LEU A 162 0.52 5.21 -19.77
C LEU A 162 0.15 5.82 -21.12
N GLY A 163 -1.07 5.54 -21.55
CA GLY A 163 -1.51 6.01 -22.85
C GLY A 163 -1.77 7.50 -22.89
N ASP A 164 -1.62 8.07 -24.09
CA ASP A 164 -1.78 9.51 -24.32
C ASP A 164 -3.24 9.94 -24.22
N SER A 167 -4.59 10.62 -18.23
CA SER A 167 -3.31 11.27 -17.99
C SER A 167 -3.04 11.49 -16.50
N PRO A 168 -1.80 11.21 -16.09
CA PRO A 168 -1.43 11.38 -14.68
C PRO A 168 -1.13 12.82 -14.29
N ASN A 169 -1.48 13.79 -15.14
CA ASN A 169 -1.21 15.19 -14.89
C ASN A 169 -2.29 15.87 -14.06
N GLU A 170 -3.51 15.31 -14.01
CA GLU A 170 -4.61 15.99 -13.34
C GLU A 170 -5.27 15.14 -12.25
N GLU A 171 -4.59 14.11 -11.78
CA GLU A 171 -5.24 13.11 -10.94
C GLU A 171 -5.13 13.45 -9.45
N SER A 172 -5.86 12.68 -8.64
CA SER A 172 -5.83 12.81 -7.18
C SER A 172 -4.40 12.91 -6.65
N PHE A 173 -4.24 13.75 -5.62
CA PHE A 173 -2.99 14.01 -4.90
C PHE A 173 -1.95 14.73 -5.74
N THR A 174 -1.79 14.36 -7.01
CA THR A 174 -0.89 15.11 -7.87
C THR A 174 -1.28 16.59 -7.88
N THR A 175 -2.57 16.88 -7.96
CA THR A 175 -3.12 18.24 -7.94
C THR A 175 -3.24 18.81 -6.53
N GLY A 176 -3.00 18.02 -5.49
CA GLY A 176 -3.32 18.46 -4.14
C GLY A 176 -4.79 18.34 -3.78
N LEU A 177 -5.60 17.73 -4.65
CA LEU A 177 -7.03 17.58 -4.45
C LEU A 177 -7.43 16.14 -4.73
N LEU A 178 -8.66 15.78 -4.37
CA LEU A 178 -9.24 14.53 -4.83
C LEU A 178 -9.99 14.76 -6.14
N GLU A 179 -9.89 13.80 -7.04
CA GLU A 179 -10.42 13.98 -8.39
C GLU A 179 -11.95 13.89 -8.40
N TYR A 180 -12.52 14.50 -9.45
CA TYR A 180 -13.95 14.48 -9.75
C TYR A 180 -14.41 13.05 -10.08
N PRO A 181 -15.72 12.79 -10.07
CA PRO A 181 -16.22 11.47 -10.48
C PRO A 181 -16.10 11.26 -12.00
N HIS A 182 -15.98 9.98 -12.38
CA HIS A 182 -15.95 9.57 -13.79
C HIS A 182 -17.17 8.70 -14.11
N PHE A 183 -17.55 8.70 -15.38
CA PHE A 183 -18.70 7.94 -15.89
C PHE A 183 -18.40 7.47 -17.30
N THR A 184 -19.05 6.38 -17.69
CA THR A 184 -18.99 5.89 -19.05
C THR A 184 -20.36 5.33 -19.42
N ARG A 185 -20.48 4.82 -20.64
CA ARG A 185 -21.73 4.26 -21.13
C ARG A 185 -22.18 3.10 -20.23
N PRO A 186 -23.51 2.88 -20.10
CA PRO A 186 -24.61 3.58 -20.76
C PRO A 186 -24.99 4.90 -20.07
N ALA A 187 -25.72 5.75 -20.79
CA ALA A 187 -26.10 7.05 -20.25
C ALA A 187 -27.04 6.92 -19.06
N GLU A 188 -27.91 5.90 -19.06
CA GLU A 188 -28.79 5.60 -17.94
C GLU A 188 -28.47 4.21 -17.43
N PHE A 189 -28.28 4.10 -16.13
CA PHE A 189 -27.99 2.83 -15.48
C PHE A 189 -28.79 2.78 -14.18
N MET A 190 -29.76 1.89 -14.12
CA MET A 190 -30.57 1.69 -12.93
C MET A 190 -31.05 3.02 -12.36
N GLY A 191 -31.60 3.85 -13.24
CA GLY A 191 -32.24 5.09 -12.84
C GLY A 191 -31.31 6.24 -12.59
N LYS A 192 -30.02 6.07 -12.81
CA LYS A 192 -29.03 7.12 -12.54
C LYS A 192 -28.46 7.60 -13.88
N LYS A 193 -28.77 8.84 -14.22
CA LYS A 193 -28.27 9.43 -15.47
C LYS A 193 -26.88 10.00 -15.25
N VAL A 194 -26.01 9.79 -16.24
CA VAL A 194 -24.74 10.51 -16.26
C VAL A 194 -25.02 12.01 -16.29
N PRO A 195 -24.30 12.84 -15.52
CA PRO A 195 -24.59 14.28 -15.52
C PRO A 195 -24.58 14.85 -16.94
N GLU A 196 -25.63 15.59 -17.26
CA GLU A 196 -25.85 16.03 -18.64
C GLU A 196 -24.69 16.86 -19.15
N VAL A 197 -24.04 17.63 -18.28
CA VAL A 197 -22.95 18.50 -18.73
C VAL A 197 -21.85 17.69 -19.38
N LEU A 198 -21.60 16.46 -18.89
CA LEU A 198 -20.58 15.62 -19.46
C LEU A 198 -20.99 15.01 -20.80
N ILE A 199 -22.29 14.95 -21.08
CA ILE A 199 -22.76 14.40 -22.35
C ILE A 199 -22.77 15.46 -23.44
N SER A 200 -23.22 16.67 -23.13
CA SER A 200 -23.49 17.68 -24.15
C SER A 200 -22.90 19.03 -23.84
N GLY A 201 -22.13 19.17 -22.76
CA GLY A 201 -21.53 20.46 -22.47
C GLY A 201 -20.29 20.73 -23.29
N ASN A 202 -19.89 21.99 -23.33
CA ASN A 202 -18.64 22.33 -23.97
C ASN A 202 -17.50 22.13 -22.99
N HIS A 203 -16.27 22.36 -23.46
CA HIS A 203 -15.09 22.06 -22.65
C HIS A 203 -15.11 22.84 -21.34
N GLU A 204 -15.38 24.15 -21.40
CA GLU A 204 -15.33 24.98 -20.21
C GLU A 204 -16.40 24.57 -19.19
N GLU A 205 -17.59 24.21 -19.66
CA GLU A 205 -18.64 23.76 -18.74
C GLU A 205 -18.24 22.46 -18.06
N ILE A 206 -17.62 21.56 -18.80
CA ILE A 206 -17.14 20.32 -18.21
C ILE A 206 -16.00 20.60 -17.22
N ARG A 207 -15.05 21.46 -17.61
CA ARG A 207 -13.98 21.83 -16.69
C ARG A 207 -14.54 22.39 -15.39
N ARG A 208 -15.48 23.33 -15.51
CA ARG A 208 -16.05 23.97 -14.32
C ARG A 208 -16.77 22.96 -13.43
N TRP A 209 -17.54 22.06 -14.03
CA TRP A 209 -18.26 21.08 -13.24
C TRP A 209 -17.29 20.13 -12.54
N ARG A 210 -16.24 19.71 -13.24
CA ARG A 210 -15.26 18.79 -12.65
C ARG A 210 -14.50 19.47 -11.52
N LEU A 211 -14.07 20.72 -11.72
CA LEU A 211 -13.37 21.45 -10.67
C LEU A 211 -14.25 21.60 -9.44
N THR A 212 -15.52 21.96 -9.64
CA THR A 212 -16.46 22.08 -8.53
C THR A 212 -16.60 20.75 -7.78
N GLU A 213 -16.84 19.66 -8.52
CA GLU A 213 -17.02 18.37 -7.87
C GLU A 213 -15.74 17.92 -7.19
N SER A 214 -14.59 18.19 -7.79
CA SER A 214 -13.32 17.85 -7.18
C SER A 214 -13.16 18.56 -5.84
N ILE A 215 -13.39 19.87 -5.82
CA ILE A 215 -13.24 20.61 -4.56
C ILE A 215 -14.25 20.10 -3.53
N LYS A 216 -15.49 19.87 -3.98
CA LYS A 216 -16.53 19.31 -3.12
C LYS A 216 -16.06 18.01 -2.47
N THR A 217 -15.59 17.07 -3.29
CA THR A 217 -15.16 15.79 -2.78
C THR A 217 -14.00 15.95 -1.81
N THR A 218 -13.07 16.85 -2.12
CA THR A 218 -11.91 17.04 -1.26
C THR A 218 -12.34 17.64 0.07
N LEU A 219 -13.21 18.66 0.02
CA LEU A 219 -13.66 19.27 1.27
C LEU A 219 -14.37 18.26 2.16
N GLN A 220 -15.23 17.42 1.58
CA GLN A 220 -16.03 16.52 2.38
C GLN A 220 -15.22 15.37 2.94
N ASN A 221 -14.32 14.82 2.13
CA ASN A 221 -13.56 13.60 2.46
C ASN A 221 -12.20 13.90 3.08
N ARG A 222 -11.51 14.94 2.62
CA ARG A 222 -10.15 15.24 3.05
C ARG A 222 -10.00 16.75 3.27
N PRO A 223 -10.67 17.31 4.28
CA PRO A 223 -10.49 18.74 4.55
C PRO A 223 -9.04 19.12 4.79
N ASP A 224 -8.22 18.20 5.31
CA ASP A 224 -6.81 18.50 5.53
C ASP A 224 -6.09 18.81 4.22
N MET A 225 -6.49 18.17 3.12
CA MET A 225 -5.89 18.53 1.84
C MET A 225 -6.28 19.95 1.43
N ILE A 226 -7.51 20.38 1.74
CA ILE A 226 -7.91 21.74 1.41
C ILE A 226 -7.00 22.73 2.11
N LEU A 227 -6.69 22.47 3.39
CA LEU A 227 -5.84 23.39 4.13
C LEU A 227 -4.43 23.45 3.57
N ARG A 228 -3.93 22.35 3.01
CA ARG A 228 -2.58 22.36 2.47
C ARG A 228 -2.50 22.94 1.06
N LYS A 229 -3.62 23.12 0.38
CA LYS A 229 -3.61 23.49 -1.03
C LYS A 229 -3.52 25.01 -1.20
N SER A 230 -2.56 25.45 -2.02
CA SER A 230 -2.53 26.83 -2.50
C SER A 230 -3.61 26.99 -3.58
N LEU A 231 -4.69 27.68 -3.25
CA LEU A 231 -5.86 27.72 -4.11
C LEU A 231 -5.75 28.85 -5.13
N SER A 232 -6.16 28.57 -6.36
CA SER A 232 -6.38 29.64 -7.32
C SER A 232 -7.55 30.49 -6.84
N ARG A 233 -7.65 31.71 -7.38
CA ARG A 233 -8.82 32.53 -7.09
C ARG A 233 -10.10 31.75 -7.37
N GLU A 234 -10.16 31.12 -8.54
CA GLU A 234 -11.36 30.38 -8.94
C GLU A 234 -11.65 29.24 -7.96
N GLU A 235 -10.61 28.47 -7.58
CA GLU A 235 -10.82 27.37 -6.64
C GLU A 235 -11.30 27.90 -5.28
N GLU A 236 -10.77 29.05 -4.85
CA GLU A 236 -11.16 29.56 -3.54
C GLU A 236 -12.61 30.02 -3.53
N GLN A 237 -13.04 30.72 -4.58
CA GLN A 237 -14.45 31.10 -4.69
C GLN A 237 -15.36 29.89 -4.68
N ILE A 238 -14.99 28.82 -5.40
CA ILE A 238 -15.82 27.61 -5.39
C ILE A 238 -15.88 27.02 -3.99
N LEU A 239 -14.72 26.95 -3.33
CA LEU A 239 -14.69 26.46 -1.95
C LEU A 239 -15.60 27.27 -1.05
N TRP A 240 -15.54 28.61 -1.17
N TRP A 240 -15.56 28.60 -1.18
CA TRP A 240 -16.39 29.48 -0.37
CA TRP A 240 -16.38 29.44 -0.33
C TRP A 240 -17.86 29.22 -0.62
C TRP A 240 -17.88 29.27 -0.63
N SER A 241 -18.22 28.89 -1.86
CA SER A 241 -19.62 28.72 -2.22
C SER A 241 -20.20 27.40 -1.72
N LEU A 242 -19.36 26.45 -1.35
CA LEU A 242 -19.81 25.20 -0.76
C LEU A 242 -19.90 25.27 0.76
N THR A 243 -19.33 26.30 1.37
CA THR A 243 -19.35 26.48 2.82
C THR A 243 -20.49 27.40 3.22
N HIS B 3 -16.40 -22.13 9.32
CA HIS B 3 -16.60 -20.67 9.47
C HIS B 3 -15.27 -19.92 9.58
N MET B 4 -14.94 -19.14 8.56
CA MET B 4 -13.67 -18.38 8.50
C MET B 4 -13.91 -17.05 7.81
N LYS B 5 -12.93 -16.15 7.86
CA LYS B 5 -13.04 -14.83 7.18
C LYS B 5 -12.83 -15.03 5.68
N ARG B 6 -13.58 -14.30 4.87
CA ARG B 6 -13.55 -14.45 3.42
C ARG B 6 -13.39 -13.08 2.75
N TYR B 7 -12.45 -12.98 1.82
CA TYR B 7 -12.18 -11.72 1.12
C TYR B 7 -12.29 -11.97 -0.38
N ASN B 8 -13.31 -11.39 -1.00
CA ASN B 8 -13.49 -11.52 -2.45
C ASN B 8 -12.93 -10.30 -3.15
N VAL B 9 -12.23 -10.54 -4.27
CA VAL B 9 -11.53 -9.47 -4.98
C VAL B 9 -12.04 -9.45 -6.41
N ILE B 10 -12.80 -8.41 -6.74
CA ILE B 10 -13.35 -8.22 -8.08
C ILE B 10 -12.32 -7.47 -8.92
N THR B 11 -11.84 -8.13 -9.98
CA THR B 11 -10.67 -7.68 -10.71
C THR B 11 -10.67 -8.32 -12.09
N ILE B 12 -10.06 -7.63 -13.07
CA ILE B 12 -9.81 -8.25 -14.36
C ILE B 12 -8.59 -9.15 -14.34
N PHE B 13 -7.86 -9.21 -13.21
CA PHE B 13 -6.65 -10.02 -13.10
C PHE B 13 -6.76 -11.02 -11.94
N PRO B 14 -7.75 -11.93 -11.98
CA PRO B 14 -7.91 -12.84 -10.83
C PRO B 14 -6.69 -13.68 -10.56
N GLU B 15 -5.98 -14.10 -11.61
CA GLU B 15 -4.80 -14.92 -11.38
C GLU B 15 -3.72 -14.17 -10.62
N MET B 16 -3.60 -12.85 -10.82
CA MET B 16 -2.65 -12.07 -10.03
C MET B 16 -2.94 -12.19 -8.55
N ILE B 17 -4.22 -12.11 -8.17
CA ILE B 17 -4.60 -12.27 -6.77
C ILE B 17 -4.25 -13.67 -6.30
N ASN B 18 -4.56 -14.68 -7.11
CA ASN B 18 -4.26 -16.05 -6.73
C ASN B 18 -2.77 -16.25 -6.47
N GLU B 19 -1.93 -15.68 -7.34
CA GLU B 19 -0.49 -15.95 -7.22
C GLU B 19 0.09 -15.27 -5.99
N ILE B 20 -0.46 -14.13 -5.61
CA ILE B 20 0.13 -13.36 -4.53
C ILE B 20 -0.01 -14.10 -3.20
N PHE B 21 -1.14 -14.76 -2.98
CA PHE B 21 -1.38 -15.43 -1.70
C PHE B 21 -0.86 -16.85 -1.67
N LYS B 22 0.04 -17.21 -2.58
CA LYS B 22 0.79 -18.45 -2.45
C LYS B 22 2.00 -18.31 -1.53
N TYR B 23 2.33 -17.11 -1.09
CA TYR B 23 3.60 -16.84 -0.45
C TYR B 23 3.41 -16.42 1.00
N GLY B 24 4.38 -16.77 1.83
CA GLY B 24 4.51 -16.20 3.16
C GLY B 24 3.51 -16.73 4.16
N VAL B 25 3.50 -16.05 5.32
CA VAL B 25 2.74 -16.53 6.47
C VAL B 25 1.25 -16.53 6.19
N LEU B 26 0.76 -15.63 5.32
CA LEU B 26 -0.67 -15.65 4.99
C LEU B 26 -1.05 -16.89 4.21
N SER B 27 -0.17 -17.36 3.32
CA SER B 27 -0.49 -18.54 2.54
C SER B 27 -0.67 -19.76 3.44
N LYS B 28 0.10 -19.85 4.52
CA LYS B 28 -0.13 -20.94 5.46
C LYS B 28 -1.46 -20.75 6.18
N GLY B 29 -1.85 -19.51 6.46
CA GLY B 29 -3.16 -19.29 7.07
C GLY B 29 -4.29 -19.80 6.19
N ILE B 30 -4.20 -19.54 4.89
CA ILE B 30 -5.18 -20.07 3.95
C ILE B 30 -5.17 -21.59 3.96
N ASP B 31 -3.97 -22.19 3.99
CA ASP B 31 -3.84 -23.64 3.94
C ASP B 31 -4.63 -24.31 5.05
N ILE B 32 -4.59 -23.76 6.26
CA ILE B 32 -5.27 -24.37 7.40
C ILE B 32 -6.64 -23.76 7.64
N GLY B 33 -7.16 -22.99 6.67
CA GLY B 33 -8.55 -22.57 6.72
C GLY B 33 -8.89 -21.49 7.74
N LEU B 34 -7.95 -20.62 8.09
CA LEU B 34 -8.27 -19.48 8.95
C LEU B 34 -8.91 -18.33 8.16
N PHE B 35 -8.64 -18.24 6.86
CA PHE B 35 -9.36 -17.32 5.98
C PHE B 35 -9.17 -17.80 4.55
N ARG B 36 -9.86 -17.14 3.63
CA ARG B 36 -9.83 -17.52 2.22
C ARG B 36 -9.95 -16.26 1.37
N VAL B 37 -9.24 -16.25 0.25
CA VAL B 37 -9.30 -15.15 -0.70
C VAL B 37 -9.90 -15.68 -2.00
N ASN B 38 -10.94 -15.01 -2.49
CA ASN B 38 -11.71 -15.46 -3.66
C ASN B 38 -11.55 -14.42 -4.76
N PRO B 39 -10.67 -14.63 -5.73
CA PRO B 39 -10.60 -13.71 -6.87
C PRO B 39 -11.85 -13.88 -7.73
N ILE B 40 -12.48 -12.76 -8.08
CA ILE B 40 -13.69 -12.78 -8.88
C ILE B 40 -13.37 -12.16 -10.22
N ASN B 41 -13.47 -12.95 -11.29
CA ASN B 41 -13.11 -12.51 -12.63
C ASN B 41 -14.20 -11.58 -13.17
N LEU B 42 -13.90 -10.28 -13.19
CA LEU B 42 -14.88 -9.32 -13.67
C LEU B 42 -15.32 -9.60 -15.10
N ARG B 43 -14.45 -10.18 -15.93
CA ARG B 43 -14.83 -10.46 -17.32
C ARG B 43 -15.91 -11.53 -17.42
N ASP B 44 -16.14 -12.29 -16.34
CA ASP B 44 -17.22 -13.28 -16.36
C ASP B 44 -18.59 -12.65 -16.25
N TYR B 45 -18.67 -11.36 -15.94
CA TYR B 45 -19.93 -10.68 -15.72
C TYR B 45 -20.28 -9.70 -16.84
N THR B 46 -19.53 -9.74 -17.94
CA THR B 46 -19.96 -9.01 -19.12
C THR B 46 -21.04 -9.81 -19.86
N GLU B 47 -21.95 -9.09 -20.51
CA GLU B 47 -23.04 -9.70 -21.23
C GLU B 47 -23.10 -9.29 -22.70
N ASP B 48 -22.20 -8.44 -23.15
CA ASP B 48 -22.18 -7.94 -24.52
C ASP B 48 -21.21 -8.76 -25.37
N LYS B 49 -21.29 -8.57 -26.69
CA LYS B 49 -20.54 -9.44 -27.59
C LYS B 49 -19.03 -9.19 -27.54
N HIS B 50 -18.59 -8.03 -27.04
CA HIS B 50 -17.16 -7.75 -26.93
C HIS B 50 -16.62 -7.96 -25.52
N LYS B 51 -17.42 -8.51 -24.61
CA LYS B 51 -16.98 -8.78 -23.24
C LYS B 51 -16.32 -7.54 -22.63
N THR B 52 -17.10 -6.47 -22.59
CA THR B 52 -16.56 -5.14 -22.35
C THR B 52 -16.63 -4.82 -20.85
N VAL B 53 -15.48 -4.56 -20.24
CA VAL B 53 -15.44 -4.13 -18.85
C VAL B 53 -15.12 -2.66 -18.71
N ASP B 54 -14.61 -2.02 -19.76
CA ASP B 54 -14.25 -0.61 -19.72
C ASP B 54 -14.59 0.02 -21.06
N ASP B 55 -14.75 1.34 -21.06
CA ASP B 55 -15.11 2.06 -22.28
C ASP B 55 -14.68 3.51 -22.12
N TYR B 56 -14.72 4.24 -23.23
CA TYR B 56 -14.42 5.67 -23.23
C TYR B 56 -15.34 6.39 -22.24
N GLN B 57 -14.75 7.26 -21.43
CA GLN B 57 -15.55 8.01 -20.47
C GLN B 57 -16.31 9.14 -21.17
N TYR B 58 -17.37 9.60 -20.49
CA TYR B 58 -18.05 10.81 -20.94
C TYR B 58 -17.25 12.05 -20.53
N GLY B 59 -17.34 13.09 -21.35
CA GLY B 59 -16.67 14.34 -21.07
C GLY B 59 -15.53 14.69 -22.01
N GLY B 60 -15.23 13.89 -23.03
CA GLY B 60 -14.16 14.22 -23.94
C GLY B 60 -12.97 13.29 -23.84
N GLY B 61 -12.28 13.07 -24.96
CA GLY B 61 -11.11 12.22 -24.97
C GLY B 61 -11.46 10.75 -24.93
N HIS B 62 -10.41 9.93 -24.86
CA HIS B 62 -10.56 8.48 -24.91
C HIS B 62 -10.08 7.78 -23.65
N GLY B 63 -9.92 8.52 -22.54
CA GLY B 63 -9.60 7.86 -21.28
C GLY B 63 -10.67 6.83 -20.94
N LEU B 64 -10.21 5.70 -20.40
CA LEU B 64 -11.07 4.56 -20.15
C LEU B 64 -11.56 4.56 -18.70
N VAL B 65 -12.82 4.15 -18.51
CA VAL B 65 -13.45 4.02 -17.20
C VAL B 65 -14.15 2.67 -17.13
N MET B 66 -14.05 2.01 -15.97
CA MET B 66 -14.70 0.71 -15.78
C MET B 66 -16.22 0.86 -15.84
N LYS B 67 -16.86 0.01 -16.63
CA LYS B 67 -18.29 0.13 -16.87
C LYS B 67 -19.09 -0.28 -15.63
N PRO B 68 -20.26 0.32 -15.43
CA PRO B 68 -21.05 -0.02 -14.24
C PRO B 68 -21.69 -1.39 -14.29
N GLU B 69 -22.08 -1.89 -15.47
CA GLU B 69 -22.88 -3.12 -15.49
C GLU B 69 -22.12 -4.35 -14.99
N PRO B 70 -20.90 -4.65 -15.46
CA PRO B 70 -20.25 -5.88 -14.98
C PRO B 70 -19.92 -5.85 -13.50
N ILE B 71 -19.46 -4.70 -13.00
CA ILE B 71 -19.21 -4.55 -11.58
C ILE B 71 -20.49 -4.74 -10.78
N TYR B 72 -21.60 -4.14 -11.25
CA TYR B 72 -22.87 -4.34 -10.55
C TYR B 72 -23.25 -5.81 -10.54
N LYS B 73 -23.16 -6.47 -11.69
CA LYS B 73 -23.54 -7.87 -11.78
C LYS B 73 -22.66 -8.73 -10.88
N ALA B 74 -21.36 -8.44 -10.85
CA ALA B 74 -20.44 -9.18 -10.01
C ALA B 74 -20.81 -9.07 -8.53
N ILE B 75 -21.15 -7.86 -8.08
CA ILE B 75 -21.45 -7.68 -6.67
C ILE B 75 -22.78 -8.30 -6.31
N ALA B 76 -23.79 -8.13 -7.16
CA ALA B 76 -25.09 -8.72 -6.88
C ALA B 76 -25.00 -10.24 -6.83
N ASP B 77 -24.07 -10.82 -7.60
CA ASP B 77 -23.92 -12.27 -7.59
C ASP B 77 -23.41 -12.73 -6.22
N LEU B 78 -22.35 -12.09 -5.73
CA LEU B 78 -21.85 -12.36 -4.40
C LEU B 78 -22.94 -12.19 -3.35
N LYS B 79 -23.63 -11.04 -3.38
CA LYS B 79 -24.66 -10.78 -2.37
C LYS B 79 -25.77 -11.81 -2.41
N SER B 80 -26.08 -12.35 -3.59
CA SER B 80 -27.11 -13.40 -3.65
C SER B 80 -26.64 -14.69 -3.00
N LYS B 81 -25.33 -14.87 -2.84
CA LYS B 81 -24.77 -16.07 -2.25
C LYS B 81 -24.55 -15.90 -0.75
N LYS B 82 -23.99 -14.77 -0.33
CA LYS B 82 -23.71 -14.55 1.09
C LYS B 82 -23.64 -13.05 1.33
N ASP B 83 -24.02 -12.63 2.55
CA ASP B 83 -23.88 -11.23 2.91
C ASP B 83 -22.42 -10.83 2.89
N THR B 84 -22.15 -9.62 2.38
CA THR B 84 -20.77 -9.18 2.23
C THR B 84 -20.72 -7.67 2.33
N HIS B 85 -19.56 -7.17 2.74
CA HIS B 85 -19.33 -5.75 2.95
C HIS B 85 -18.48 -5.23 1.80
N VAL B 86 -18.97 -4.21 1.09
CA VAL B 86 -18.45 -3.85 -0.22
C VAL B 86 -17.55 -2.62 -0.11
N VAL B 87 -16.28 -2.79 -0.45
CA VAL B 87 -15.28 -1.72 -0.39
C VAL B 87 -14.83 -1.41 -1.81
N PHE B 88 -15.07 -0.18 -2.25
CA PHE B 88 -14.52 0.31 -3.51
C PHE B 88 -13.14 0.90 -3.23
N LEU B 89 -12.11 0.35 -3.88
CA LEU B 89 -10.76 0.92 -3.77
C LEU B 89 -10.65 2.16 -4.65
N ASP B 90 -10.28 3.29 -4.03
CA ASP B 90 -10.39 4.58 -4.69
C ASP B 90 -9.57 5.61 -3.93
N PRO B 91 -8.74 6.42 -4.60
CA PRO B 91 -8.01 7.48 -3.89
C PRO B 91 -8.89 8.40 -3.08
N ARG B 92 -10.17 8.53 -3.45
CA ARG B 92 -11.05 9.42 -2.72
C ARG B 92 -11.54 8.85 -1.40
N GLY B 93 -11.29 7.56 -1.14
CA GLY B 93 -11.79 6.90 0.04
C GLY B 93 -11.03 7.25 1.31
N GLU B 94 -11.42 6.58 2.40
CA GLU B 94 -10.72 6.75 3.67
C GLU B 94 -9.28 6.31 3.53
N GLN B 95 -8.35 7.14 4.00
CA GLN B 95 -6.96 6.77 4.02
C GLN B 95 -6.76 5.54 4.92
N PHE B 96 -6.27 4.45 4.33
CA PHE B 96 -6.14 3.20 5.06
C PHE B 96 -5.08 3.32 6.16
N THR B 97 -5.49 3.08 7.41
CA THR B 97 -4.61 3.05 8.57
C THR B 97 -4.85 1.77 9.37
N GLN B 98 -4.05 1.61 10.43
CA GLN B 98 -4.23 0.44 11.30
C GLN B 98 -5.60 0.45 11.96
N LYS B 99 -6.12 1.64 12.27
CA LYS B 99 -7.50 1.74 12.75
C LYS B 99 -8.49 1.17 11.73
N THR B 100 -8.27 1.48 10.44
CA THR B 100 -9.12 0.92 9.39
C THR B 100 -9.03 -0.60 9.37
N ALA B 101 -7.81 -1.13 9.44
CA ALA B 101 -7.63 -2.58 9.44
C ALA B 101 -8.34 -3.22 10.62
N GLU B 102 -8.24 -2.60 11.79
CA GLU B 102 -8.93 -3.13 12.96
C GLU B 102 -10.44 -3.10 12.78
N ARG B 103 -10.96 -2.03 12.16
CA ARG B 103 -12.39 -1.94 11.94
C ARG B 103 -12.86 -2.99 10.94
N LEU B 104 -12.13 -3.16 9.83
CA LEU B 104 -12.52 -4.13 8.81
C LEU B 104 -12.39 -5.56 9.33
N TYR B 105 -11.54 -5.78 10.33
CA TYR B 105 -11.38 -7.12 10.89
C TYR B 105 -12.72 -7.64 11.43
N ASN B 106 -13.61 -6.73 11.86
CA ASN B 106 -14.90 -7.13 12.41
C ASN B 106 -15.71 -7.97 11.43
N TYR B 107 -15.62 -7.68 10.12
CA TYR B 107 -16.46 -8.34 9.15
C TYR B 107 -15.93 -9.74 8.84
N ASP B 108 -16.86 -10.67 8.61
CA ASP B 108 -16.52 -12.02 8.18
C ASP B 108 -16.45 -12.17 6.66
N ASP B 109 -16.93 -11.20 5.89
CA ASP B 109 -16.92 -11.33 4.43
C ASP B 109 -16.83 -9.94 3.81
N ILE B 110 -15.74 -9.67 3.10
CA ILE B 110 -15.49 -8.36 2.52
C ILE B 110 -15.20 -8.54 1.05
N THR B 111 -15.84 -7.70 0.24
CA THR B 111 -15.68 -7.66 -1.21
C THR B 111 -14.94 -6.39 -1.59
N PHE B 112 -13.80 -6.53 -2.28
CA PHE B 112 -13.03 -5.39 -2.75
C PHE B 112 -13.23 -5.22 -4.25
N VAL B 113 -13.51 -4.00 -4.68
CA VAL B 113 -13.72 -3.70 -6.10
C VAL B 113 -12.48 -2.96 -6.59
N CYS B 114 -11.78 -3.57 -7.55
CA CYS B 114 -10.53 -3.03 -8.09
C CYS B 114 -10.80 -2.34 -9.43
N GLY B 115 -10.48 -1.04 -9.50
CA GLY B 115 -10.54 -0.33 -10.75
C GLY B 115 -9.23 -0.38 -11.53
N ARG B 116 -9.31 0.10 -12.77
CA ARG B 116 -8.17 0.28 -13.68
C ARG B 116 -8.40 1.57 -14.47
N TYR B 117 -7.38 2.02 -15.19
CA TYR B 117 -7.46 3.19 -16.09
C TYR B 117 -7.89 4.41 -15.27
N GLU B 118 -8.81 5.24 -15.75
CA GLU B 118 -9.17 6.49 -15.08
C GLU B 118 -9.99 6.27 -13.82
N GLY B 119 -10.58 5.09 -13.64
CA GLY B 119 -11.35 4.79 -12.47
C GLY B 119 -12.61 4.03 -12.83
N ILE B 120 -13.59 4.09 -11.93
CA ILE B 120 -14.82 3.31 -12.01
C ILE B 120 -16.00 4.26 -12.14
N ASP B 121 -16.94 3.91 -13.02
CA ASP B 121 -18.17 4.69 -13.17
C ASP B 121 -18.81 4.91 -11.81
N ASP B 122 -18.96 6.18 -11.43
CA ASP B 122 -19.30 6.44 -10.03
C ASP B 122 -20.73 6.07 -9.70
N ARG B 123 -21.55 5.75 -10.69
CA ARG B 123 -22.93 5.36 -10.37
C ARG B 123 -22.97 3.99 -9.67
N VAL B 124 -22.11 3.06 -10.09
CA VAL B 124 -22.17 1.74 -9.46
C VAL B 124 -21.52 1.80 -8.09
N ARG B 125 -20.55 2.69 -7.91
CA ARG B 125 -20.05 3.02 -6.57
C ARG B 125 -21.21 3.51 -5.69
N GLU B 126 -21.93 4.52 -6.14
CA GLU B 126 -23.04 5.04 -5.33
C GLU B 126 -24.09 3.97 -5.05
N LEU B 127 -24.37 3.09 -6.02
CA LEU B 127 -25.38 2.06 -5.79
C LEU B 127 -24.91 0.97 -4.84
N MET B 128 -23.65 0.56 -4.93
CA MET B 128 -23.22 -0.70 -4.32
C MET B 128 -22.16 -0.55 -3.22
N ALA B 129 -21.38 0.53 -3.21
CA ALA B 129 -20.32 0.68 -2.23
C ALA B 129 -20.87 0.86 -0.83
N ASP B 130 -20.42 0.04 0.11
CA ASP B 130 -20.62 0.37 1.51
C ASP B 130 -19.64 1.44 1.97
N GLU B 131 -18.50 1.57 1.29
CA GLU B 131 -17.48 2.56 1.64
C GLU B 131 -16.43 2.52 0.55
N MET B 132 -15.60 3.56 0.54
CA MET B 132 -14.41 3.65 -0.29
C MET B 132 -13.18 3.74 0.61
N ILE B 133 -12.11 3.08 0.21
CA ILE B 133 -10.85 3.12 0.95
C ILE B 133 -9.72 3.41 -0.03
N SER B 134 -8.81 4.30 0.36
CA SER B 134 -7.59 4.58 -0.36
C SER B 134 -6.42 3.94 0.36
N ILE B 135 -5.52 3.33 -0.42
CA ILE B 135 -4.35 2.70 0.20
C ILE B 135 -3.38 3.75 0.70
N GLY B 136 -3.52 5.00 0.27
CA GLY B 136 -2.62 6.05 0.69
C GLY B 136 -2.68 7.23 -0.26
N ASP B 137 -1.94 8.27 0.09
CA ASP B 137 -2.04 9.57 -0.59
C ASP B 137 -1.20 9.59 -1.87
N PHE B 138 -1.51 8.65 -2.75
CA PHE B 138 -0.78 8.46 -3.99
C PHE B 138 -1.66 7.62 -4.91
N VAL B 139 -1.22 7.47 -6.16
CA VAL B 139 -2.02 6.80 -7.17
C VAL B 139 -1.22 5.66 -7.79
N ILE B 140 -1.86 4.50 -7.92
CA ILE B 140 -1.31 3.34 -8.60
C ILE B 140 -2.20 3.01 -9.80
N THR B 141 -1.71 2.09 -10.63
CA THR B 141 -2.38 1.79 -11.89
C THR B 141 -3.65 0.97 -11.70
N GLY B 142 -3.83 0.33 -10.55
CA GLY B 142 -5.00 -0.53 -10.38
C GLY B 142 -5.26 -0.79 -8.92
N GLY B 143 -6.51 -1.18 -8.63
CA GLY B 143 -6.89 -1.49 -7.27
C GLY B 143 -6.34 -2.80 -6.73
N GLU B 144 -5.77 -3.65 -7.60
CA GLU B 144 -5.33 -4.97 -7.16
C GLU B 144 -4.36 -4.88 -5.97
N LEU B 145 -3.28 -4.11 -6.11
CA LEU B 145 -2.30 -4.02 -5.04
C LEU B 145 -2.92 -3.45 -3.76
N ALA B 146 -3.83 -2.48 -3.89
CA ALA B 146 -4.52 -1.96 -2.72
C ALA B 146 -5.33 -3.06 -2.05
N ALA B 147 -6.02 -3.88 -2.85
CA ALA B 147 -6.84 -4.94 -2.29
C ALA B 147 -6.00 -5.92 -1.49
N VAL B 148 -4.93 -6.43 -2.08
CA VAL B 148 -4.19 -7.50 -1.40
C VAL B 148 -3.40 -6.95 -0.22
N THR B 149 -3.01 -5.68 -0.28
CA THR B 149 -2.33 -5.06 0.86
C THR B 149 -3.26 -4.95 2.06
N ILE B 150 -4.48 -4.45 1.83
CA ILE B 150 -5.48 -4.37 2.89
C ILE B 150 -5.78 -5.75 3.45
N ILE B 151 -5.98 -6.74 2.57
CA ILE B 151 -6.24 -8.10 3.03
C ILE B 151 -5.09 -8.59 3.90
N ASP B 152 -3.85 -8.33 3.48
CA ASP B 152 -2.70 -8.69 4.29
C ASP B 152 -2.80 -8.06 5.69
N ALA B 153 -2.99 -6.73 5.74
CA ALA B 153 -3.03 -6.04 7.02
C ALA B 153 -4.20 -6.50 7.90
N VAL B 154 -5.29 -6.96 7.29
CA VAL B 154 -6.44 -7.39 8.05
C VAL B 154 -6.33 -8.85 8.47
N ALA B 155 -5.96 -9.73 7.53
CA ALA B 155 -5.94 -11.17 7.83
C ALA B 155 -4.86 -11.53 8.83
N ARG B 156 -3.77 -10.75 8.90
CA ARG B 156 -2.71 -11.07 9.85
C ARG B 156 -3.16 -10.85 11.29
N LEU B 157 -4.31 -10.22 11.50
CA LEU B 157 -4.84 -10.05 12.85
C LEU B 157 -5.68 -11.24 13.31
N ILE B 158 -5.98 -12.17 12.42
CA ILE B 158 -6.75 -13.36 12.80
C ILE B 158 -5.88 -14.17 13.74
N PRO B 159 -6.33 -14.45 14.97
CA PRO B 159 -5.53 -15.25 15.90
C PRO B 159 -5.14 -16.58 15.28
N GLY B 160 -3.86 -16.89 15.35
CA GLY B 160 -3.33 -18.10 14.76
C GLY B 160 -2.63 -17.92 13.43
N VAL B 161 -2.94 -16.84 12.72
CA VAL B 161 -2.28 -16.63 11.40
C VAL B 161 -0.78 -16.44 11.67
N LEU B 162 -0.46 -15.51 12.55
CA LEU B 162 0.94 -15.30 12.98
C LEU B 162 1.18 -16.22 14.17
N GLY B 163 2.27 -16.97 14.18
CA GLY B 163 2.50 -17.85 15.33
C GLY B 163 3.35 -17.16 16.38
N ASP B 164 4.52 -17.73 16.67
CA ASP B 164 5.46 -17.16 17.68
C ASP B 164 6.45 -16.23 16.97
N GLU B 165 6.47 -16.24 15.64
CA GLU B 165 7.44 -15.44 14.82
C GLU B 165 7.22 -13.93 14.94
N ASN B 166 6.02 -13.47 15.32
CA ASN B 166 5.69 -12.04 15.48
C ASN B 166 4.38 -11.88 16.27
N SER B 167 4.32 -10.92 17.20
CA SER B 167 3.09 -10.61 17.94
C SER B 167 2.50 -9.31 17.41
N PRO B 168 1.25 -9.34 16.92
CA PRO B 168 0.63 -8.10 16.41
C PRO B 168 0.06 -7.21 17.50
N ASN B 169 0.24 -7.56 18.78
CA ASN B 169 -0.32 -6.79 19.87
C ASN B 169 0.54 -5.57 20.17
N GLU B 170 1.86 -5.70 20.06
CA GLU B 170 2.80 -4.61 20.29
C GLU B 170 3.58 -4.41 19.00
N GLU B 171 3.16 -3.44 18.18
CA GLU B 171 3.87 -3.09 16.96
C GLU B 171 3.48 -1.69 16.52
N SER B 172 4.18 -1.20 15.51
CA SER B 172 3.99 0.16 15.03
C SER B 172 2.52 0.43 14.72
N PHE B 173 2.09 1.65 15.04
CA PHE B 173 0.75 2.17 14.76
C PHE B 173 -0.31 1.54 15.65
N THR B 174 -0.28 0.21 15.84
CA THR B 174 -1.23 -0.43 16.75
C THR B 174 -1.17 0.22 18.13
N THR B 175 0.03 0.58 18.57
CA THR B 175 0.26 1.20 19.87
C THR B 175 0.12 2.72 19.83
N GLY B 176 -0.10 3.30 18.65
CA GLY B 176 0.01 4.74 18.50
C GLY B 176 1.43 5.24 18.35
N LEU B 177 2.43 4.36 18.38
CA LEU B 177 3.83 4.77 18.28
C LEU B 177 4.51 4.02 17.13
N LEU B 178 5.75 4.39 16.85
CA LEU B 178 6.63 3.64 15.97
C LEU B 178 7.48 2.71 16.82
N GLU B 179 7.67 1.49 16.34
CA GLU B 179 8.27 0.46 17.18
C GLU B 179 9.77 0.68 17.36
N TYR B 180 10.31 0.05 18.40
CA TYR B 180 11.73 0.05 18.72
C TYR B 180 12.53 -0.75 17.69
N PRO B 181 13.86 -0.57 17.63
CA PRO B 181 14.68 -1.39 16.73
C PRO B 181 14.70 -2.86 17.15
N HIS B 182 14.96 -3.74 16.17
CA HIS B 182 15.14 -5.16 16.40
C HIS B 182 16.54 -5.60 15.99
N PHE B 183 16.99 -6.73 16.55
CA PHE B 183 18.31 -7.28 16.29
C PHE B 183 18.24 -8.80 16.37
N THR B 184 19.13 -9.47 15.63
CA THR B 184 19.27 -10.92 15.76
C THR B 184 20.76 -11.29 15.63
N ARG B 185 21.02 -12.59 15.74
CA ARG B 185 22.38 -13.12 15.69
C ARG B 185 23.05 -12.70 14.37
N PRO B 186 24.36 -12.38 14.37
CA PRO B 186 25.34 -12.47 15.46
C PRO B 186 25.42 -11.22 16.32
N ALA B 187 25.84 -11.42 17.57
CA ALA B 187 25.91 -10.30 18.53
C ALA B 187 26.77 -9.16 18.00
N GLU B 188 27.82 -9.48 17.23
CA GLU B 188 28.68 -8.48 16.61
C GLU B 188 28.66 -8.69 15.11
N PHE B 189 28.40 -7.61 14.36
CA PHE B 189 28.38 -7.66 12.91
C PHE B 189 29.08 -6.42 12.36
N MET B 190 30.24 -6.62 11.76
CA MET B 190 31.04 -5.53 11.17
C MET B 190 31.31 -4.43 12.19
N GLY B 191 31.70 -4.85 13.39
CA GLY B 191 32.05 -3.93 14.46
C GLY B 191 30.88 -3.29 15.16
N LYS B 192 29.65 -3.64 14.79
CA LYS B 192 28.45 -3.07 15.39
C LYS B 192 27.83 -4.07 16.35
N LYS B 193 27.77 -3.71 17.63
CA LYS B 193 27.28 -4.63 18.65
C LYS B 193 25.79 -4.43 18.91
N VAL B 194 25.07 -5.54 19.05
CA VAL B 194 23.69 -5.48 19.54
C VAL B 194 23.70 -4.82 20.91
N PRO B 195 22.75 -3.92 21.20
CA PRO B 195 22.70 -3.30 22.54
C PRO B 195 22.76 -4.34 23.65
N GLU B 196 23.72 -4.17 24.54
CA GLU B 196 23.97 -5.14 25.60
C GLU B 196 22.72 -5.44 26.43
N VAL B 197 21.83 -4.46 26.59
CA VAL B 197 20.63 -4.68 27.41
C VAL B 197 19.77 -5.79 26.81
N LEU B 198 19.73 -5.89 25.48
CA LEU B 198 18.97 -6.95 24.84
C LEU B 198 19.64 -8.30 25.00
N ILE B 199 20.95 -8.32 25.21
CA ILE B 199 21.67 -9.57 25.38
C ILE B 199 21.57 -10.07 26.80
N SER B 200 21.70 -9.18 27.81
CA SER B 200 21.81 -9.62 29.19
C SER B 200 20.97 -8.87 30.20
N GLY B 201 20.15 -7.89 29.80
CA GLY B 201 19.27 -7.23 30.74
C GLY B 201 18.12 -8.12 31.15
N ASN B 202 17.39 -7.70 32.18
CA ASN B 202 16.20 -8.44 32.58
C ASN B 202 14.99 -7.96 31.79
N HIS B 203 13.86 -8.62 32.01
CA HIS B 203 12.67 -8.30 31.23
C HIS B 203 12.27 -6.83 31.40
N GLU B 204 12.40 -6.29 32.61
CA GLU B 204 12.00 -4.90 32.82
C GLU B 204 12.99 -3.92 32.17
N GLU B 205 14.29 -4.19 32.27
CA GLU B 205 15.28 -3.33 31.63
C GLU B 205 15.10 -3.30 30.13
N ILE B 206 14.80 -4.44 29.52
CA ILE B 206 14.54 -4.48 28.10
C ILE B 206 13.29 -3.67 27.76
N ARG B 207 12.23 -3.82 28.56
CA ARG B 207 11.01 -3.05 28.32
C ARG B 207 11.29 -1.55 28.37
N ARG B 208 12.06 -1.10 29.35
CA ARG B 208 12.35 0.32 29.47
C ARG B 208 13.14 0.82 28.27
N TRP B 209 14.18 0.10 27.88
CA TRP B 209 14.99 0.50 26.74
C TRP B 209 14.16 0.54 25.47
N ARG B 210 13.35 -0.49 25.24
CA ARG B 210 12.55 -0.54 24.02
C ARG B 210 11.55 0.61 23.99
N LEU B 211 10.86 0.86 25.11
CA LEU B 211 9.89 1.95 25.15
C LEU B 211 10.57 3.29 24.89
N THR B 212 11.78 3.47 25.42
CA THR B 212 12.49 4.72 25.19
C THR B 212 12.86 4.88 23.72
N GLU B 213 13.48 3.85 23.11
CA GLU B 213 13.83 3.94 21.70
C GLU B 213 12.59 4.16 20.85
N SER B 214 11.47 3.53 21.22
CA SER B 214 10.24 3.73 20.46
C SER B 214 9.78 5.18 20.54
N ILE B 215 9.84 5.78 21.73
CA ILE B 215 9.40 7.16 21.87
C ILE B 215 10.36 8.09 21.13
N LYS B 216 11.66 7.80 21.19
CA LYS B 216 12.66 8.59 20.48
C LYS B 216 12.43 8.53 18.97
N THR B 217 12.29 7.31 18.44
CA THR B 217 12.06 7.14 17.01
C THR B 217 10.77 7.85 16.58
N THR B 218 9.69 7.69 17.35
CA THR B 218 8.45 8.36 17.01
C THR B 218 8.62 9.87 17.07
N LEU B 219 9.32 10.38 18.08
CA LEU B 219 9.52 11.82 18.18
C LEU B 219 10.31 12.35 16.99
N GLN B 220 11.37 11.63 16.59
CA GLN B 220 12.22 12.10 15.52
C GLN B 220 11.55 11.96 14.15
N ASN B 221 10.84 10.86 13.90
CA ASN B 221 10.29 10.57 12.58
C ASN B 221 8.84 11.02 12.41
N ARG B 222 8.01 10.85 13.44
CA ARG B 222 6.57 11.09 13.34
C ARG B 222 6.10 11.85 14.56
N PRO B 223 6.59 13.08 14.76
CA PRO B 223 6.10 13.87 15.89
C PRO B 223 4.59 14.07 15.88
N ASP B 224 3.97 14.03 14.70
CA ASP B 224 2.51 14.10 14.64
C ASP B 224 1.88 12.95 15.44
N MET B 225 2.54 11.79 15.48
CA MET B 225 1.99 10.67 16.24
C MET B 225 2.09 10.91 17.73
N ILE B 226 3.20 11.51 18.20
CA ILE B 226 3.33 11.87 19.60
C ILE B 226 2.17 12.76 20.03
N LEU B 227 1.86 13.77 19.21
CA LEU B 227 0.83 14.75 19.60
C LEU B 227 -0.53 14.10 19.82
N ARG B 228 -0.93 13.19 18.95
CA ARG B 228 -2.28 12.65 19.05
C ARG B 228 -2.38 11.48 20.03
N LYS B 229 -1.26 10.89 20.44
CA LYS B 229 -1.32 9.81 21.42
C LYS B 229 -1.54 10.35 22.83
N SER B 230 -2.44 9.71 23.57
CA SER B 230 -2.57 9.97 24.99
C SER B 230 -1.43 9.23 25.69
N LEU B 231 -0.39 9.97 26.07
CA LEU B 231 0.78 9.35 26.66
C LEU B 231 0.50 8.92 28.09
N SER B 232 1.00 7.73 28.44
CA SER B 232 0.93 7.31 29.84
C SER B 232 1.84 8.19 30.69
N ARG B 233 1.71 8.04 32.01
CA ARG B 233 2.60 8.77 32.91
C ARG B 233 4.06 8.44 32.62
N GLU B 234 4.36 7.15 32.43
CA GLU B 234 5.73 6.75 32.12
C GLU B 234 6.18 7.28 30.76
N GLU B 235 5.34 7.15 29.74
CA GLU B 235 5.68 7.67 28.42
C GLU B 235 5.95 9.17 28.48
N GLU B 236 5.09 9.91 29.18
CA GLU B 236 5.26 11.35 29.36
C GLU B 236 6.66 11.71 29.88
N GLN B 237 7.11 11.00 30.91
CA GLN B 237 8.38 11.33 31.55
C GLN B 237 9.56 10.99 30.64
N ILE B 238 9.52 9.82 29.99
CA ILE B 238 10.53 9.50 28.98
C ILE B 238 10.62 10.61 27.95
N LEU B 239 9.46 11.04 27.44
CA LEU B 239 9.44 12.13 26.45
C LEU B 239 10.11 13.38 26.99
N TRP B 240 9.76 13.78 28.22
CA TRP B 240 10.36 14.97 28.81
C TRP B 240 11.88 14.79 28.98
N SER B 241 12.32 13.60 29.36
CA SER B 241 13.74 13.31 29.51
C SER B 241 14.39 13.09 28.14
N LEU B 242 14.11 13.98 27.20
CA LEU B 242 14.67 13.88 25.86
C LEU B 242 14.76 15.27 25.26
N THR B 243 13.65 15.99 25.31
CA THR B 243 13.50 17.25 24.59
C THR B 243 13.40 18.43 25.55
#